data_4CGE
#
_entry.id   4CGE
#
_cell.length_a   34.543
_cell.length_b   84.004
_cell.length_c   72.628
_cell.angle_alpha   90.00
_cell.angle_beta   103.53
_cell.angle_gamma   90.00
#
_symmetry.space_group_name_H-M   'P 1 21 1'
#
loop_
_entity.id
_entity.type
_entity.pdbx_description
1 polymer 'RESUSCITATION-PROMOTING FACTOR RPFE'
2 water water
#
_entity_poly.entity_id   1
_entity_poly.type   'polypeptide(L)'
_entity_poly.pdbx_seq_one_letter_code
;SVNWDAIAQCESGGNWSINTGNGYYGGLRFTAGTWRANGGSGSAANASREEQIRVAENVLRSQGIRAWPVCGRRG
;
_entity_poly.pdbx_strand_id   A,B,C,D,E,F
#
# COMPACT_ATOMS: atom_id res chain seq x y z
N VAL A 2 -5.44 -17.53 -16.48
CA VAL A 2 -6.79 -18.04 -16.65
C VAL A 2 -7.72 -17.43 -15.62
N ASN A 3 -9.02 -17.66 -15.78
CA ASN A 3 -10.02 -17.11 -14.87
C ASN A 3 -10.10 -17.93 -13.58
N TRP A 4 -9.27 -17.59 -12.61
CA TRP A 4 -9.21 -18.35 -11.36
C TRP A 4 -10.44 -18.13 -10.48
N ASP A 5 -10.98 -16.93 -10.50
CA ASP A 5 -12.16 -16.59 -9.71
C ASP A 5 -13.37 -17.43 -10.11
N ALA A 6 -13.53 -17.65 -11.40
CA ALA A 6 -14.63 -18.47 -11.90
C ALA A 6 -14.44 -19.92 -11.49
N ILE A 7 -13.19 -20.38 -11.52
CA ILE A 7 -12.87 -21.75 -11.12
C ILE A 7 -13.09 -21.95 -9.62
N ALA A 8 -12.81 -20.93 -8.84
CA ALA A 8 -12.96 -21.01 -7.38
C ALA A 8 -14.43 -21.08 -6.97
N GLN A 9 -15.28 -20.39 -7.73
CA GLN A 9 -16.72 -20.38 -7.45
C GLN A 9 -17.31 -21.78 -7.62
N CYS A 10 -16.82 -22.50 -8.62
CA CYS A 10 -17.26 -23.84 -8.89
C CYS A 10 -16.75 -24.84 -7.85
N GLU A 11 -15.59 -24.54 -7.28
CA GLU A 11 -14.92 -25.47 -6.38
C GLU A 11 -15.35 -25.32 -4.92
N SER A 12 -15.78 -24.12 -4.53
CA SER A 12 -16.11 -23.87 -3.14
C SER A 12 -17.10 -22.73 -2.92
N GLY A 13 -17.78 -22.32 -3.97
CA GLY A 13 -18.77 -21.27 -3.87
C GLY A 13 -18.17 -19.89 -3.66
N GLY A 14 -16.85 -19.79 -3.77
CA GLY A 14 -16.17 -18.52 -3.66
C GLY A 14 -15.45 -18.28 -2.34
N ASN A 15 -15.66 -19.19 -1.38
CA ASN A 15 -15.03 -19.05 -0.06
C ASN A 15 -13.55 -19.41 -0.11
N TRP A 16 -12.70 -18.38 -0.14
CA TRP A 16 -11.26 -18.57 -0.27
C TRP A 16 -10.61 -19.02 1.04
N SER A 17 -11.33 -18.89 2.15
CA SER A 17 -10.78 -19.23 3.45
C SER A 17 -11.44 -20.47 4.06
N ILE A 18 -12.01 -21.32 3.21
CA ILE A 18 -12.75 -22.48 3.69
C ILE A 18 -11.84 -23.63 4.12
N ASN A 19 -12.18 -24.25 5.23
CA ASN A 19 -11.47 -25.42 5.73
C ASN A 19 -12.46 -26.41 6.35
N THR A 20 -13.16 -27.15 5.50
CA THR A 20 -14.18 -28.08 5.95
C THR A 20 -13.58 -29.35 6.57
N GLY A 21 -12.26 -29.45 6.53
CA GLY A 21 -11.58 -30.58 7.12
C GLY A 21 -11.71 -31.86 6.30
N ASN A 22 -12.14 -31.71 5.05
CA ASN A 22 -12.32 -32.87 4.17
C ASN A 22 -11.05 -33.19 3.39
N GLY A 23 -9.94 -32.59 3.79
CA GLY A 23 -8.66 -32.85 3.16
C GLY A 23 -8.23 -31.75 2.20
N TYR A 24 -9.19 -30.93 1.78
CA TYR A 24 -8.90 -29.84 0.83
C TYR A 24 -9.02 -28.48 1.51
N TYR A 25 -8.17 -27.54 1.11
CA TYR A 25 -8.12 -26.23 1.75
C TYR A 25 -8.21 -25.09 0.73
N GLY A 26 -8.73 -23.95 1.17
CA GLY A 26 -8.79 -22.76 0.34
C GLY A 26 -9.87 -22.82 -0.73
N GLY A 27 -10.06 -21.70 -1.42
CA GLY A 27 -11.10 -21.59 -2.43
C GLY A 27 -10.88 -22.48 -3.64
N LEU A 28 -9.62 -22.83 -3.90
CA LEU A 28 -9.30 -23.68 -5.05
C LEU A 28 -9.16 -25.14 -4.63
N ARG A 29 -9.47 -25.41 -3.37
CA ARG A 29 -9.48 -26.77 -2.82
C ARG A 29 -8.14 -27.49 -3.03
N PHE A 30 -7.10 -27.02 -2.35
CA PHE A 30 -5.78 -27.62 -2.45
C PHE A 30 -5.58 -28.71 -1.40
N THR A 31 -4.88 -29.78 -1.79
CA THR A 31 -4.37 -30.75 -0.82
C THR A 31 -3.11 -30.17 -0.21
N ALA A 32 -2.75 -30.63 0.98
CA ALA A 32 -1.58 -30.12 1.67
C ALA A 32 -0.30 -30.39 0.87
N GLY A 33 -0.27 -31.53 0.20
CA GLY A 33 0.87 -31.91 -0.62
C GLY A 33 1.03 -30.99 -1.82
N THR A 34 -0.02 -30.85 -2.62
CA THR A 34 0.02 -30.03 -3.83
C THR A 34 0.31 -28.57 -3.50
N TRP A 35 -0.18 -28.12 -2.34
CA TRP A 35 -0.01 -26.74 -1.93
C TRP A 35 1.46 -26.34 -1.75
N ARG A 36 2.14 -27.01 -0.84
CA ARG A 36 3.53 -26.69 -0.53
C ARG A 36 4.48 -27.05 -1.68
N ALA A 37 4.27 -28.22 -2.29
CA ALA A 37 5.13 -28.71 -3.35
C ALA A 37 5.15 -27.76 -4.56
N ASN A 38 4.20 -26.84 -4.61
CA ASN A 38 4.18 -25.83 -5.66
C ASN A 38 4.45 -24.44 -5.12
N GLY A 39 5.08 -24.37 -3.95
CA GLY A 39 5.51 -23.11 -3.37
C GLY A 39 4.50 -22.49 -2.42
N GLY A 40 3.99 -23.30 -1.49
CA GLY A 40 3.00 -22.81 -0.55
C GLY A 40 3.50 -22.80 0.89
N SER A 41 3.07 -21.79 1.64
CA SER A 41 3.46 -21.70 3.05
C SER A 41 2.27 -21.96 3.96
N GLY A 42 2.48 -22.82 4.96
CA GLY A 42 1.45 -23.15 5.92
C GLY A 42 0.25 -23.82 5.27
N SER A 43 -0.93 -23.26 5.51
CA SER A 43 -2.17 -23.80 4.96
C SER A 43 -2.78 -22.83 3.94
N ALA A 44 -3.49 -23.39 2.97
CA ALA A 44 -4.11 -22.59 1.92
C ALA A 44 -5.35 -21.87 2.42
N ALA A 45 -5.85 -22.29 3.59
CA ALA A 45 -7.02 -21.66 4.19
C ALA A 45 -6.67 -20.31 4.80
N ASN A 46 -5.42 -20.17 5.23
CA ASN A 46 -4.95 -18.92 5.82
C ASN A 46 -4.27 -18.03 4.79
N ALA A 47 -3.83 -18.63 3.69
CA ALA A 47 -3.18 -17.89 2.62
C ALA A 47 -4.17 -16.96 1.92
N SER A 48 -3.69 -15.80 1.50
CA SER A 48 -4.53 -14.83 0.82
C SER A 48 -4.97 -15.35 -0.55
N ARG A 49 -5.95 -14.70 -1.15
CA ARG A 49 -6.45 -15.08 -2.46
C ARG A 49 -5.35 -15.05 -3.51
N GLU A 50 -4.61 -13.94 -3.56
CA GLU A 50 -3.53 -13.78 -4.52
C GLU A 50 -2.45 -14.84 -4.32
N GLU A 51 -2.17 -15.15 -3.06
CA GLU A 51 -1.15 -16.14 -2.73
C GLU A 51 -1.60 -17.54 -3.13
N GLN A 52 -2.92 -17.78 -3.06
CA GLN A 52 -3.48 -19.04 -3.52
C GLN A 52 -3.44 -19.11 -5.03
N ILE A 53 -3.72 -17.98 -5.67
CA ILE A 53 -3.69 -17.90 -7.13
C ILE A 53 -2.27 -18.09 -7.65
N ARG A 54 -1.29 -17.60 -6.89
CA ARG A 54 0.11 -17.73 -7.27
C ARG A 54 0.56 -19.18 -7.27
N VAL A 55 0.12 -19.93 -6.27
CA VAL A 55 0.45 -21.35 -6.16
C VAL A 55 -0.28 -22.15 -7.23
N ALA A 56 -1.47 -21.68 -7.59
CA ALA A 56 -2.26 -22.33 -8.63
C ALA A 56 -1.58 -22.21 -9.99
N GLU A 57 -0.84 -21.12 -10.18
CA GLU A 57 -0.10 -20.90 -11.41
C GLU A 57 1.02 -21.92 -11.55
N ASN A 58 1.56 -22.36 -10.42
CA ASN A 58 2.59 -23.39 -10.41
C ASN A 58 1.98 -24.77 -10.68
N VAL A 59 0.81 -25.00 -10.12
CA VAL A 59 0.07 -26.25 -10.33
C VAL A 59 -0.32 -26.38 -11.79
N LEU A 60 -0.74 -25.26 -12.38
CA LEU A 60 -1.18 -25.24 -13.78
C LEU A 60 -0.03 -25.51 -14.74
N ARG A 61 1.19 -25.29 -14.28
CA ARG A 61 2.37 -25.41 -15.12
C ARG A 61 3.04 -26.78 -14.97
N SER A 62 2.73 -27.48 -13.90
CA SER A 62 3.32 -28.78 -13.63
C SER A 62 2.34 -29.93 -13.87
N GLN A 63 1.07 -29.68 -13.58
CA GLN A 63 0.04 -30.72 -13.75
C GLN A 63 -0.89 -30.39 -14.90
N GLY A 64 -1.18 -29.10 -15.08
CA GLY A 64 -2.10 -28.66 -16.11
C GLY A 64 -3.45 -28.29 -15.54
N ILE A 65 -4.40 -27.99 -16.43
CA ILE A 65 -5.75 -27.62 -16.00
C ILE A 65 -6.53 -28.86 -15.59
N ARG A 66 -5.93 -30.03 -15.79
CA ARG A 66 -6.55 -31.29 -15.41
C ARG A 66 -6.63 -31.47 -13.90
N ALA A 67 -6.00 -30.55 -13.17
CA ALA A 67 -6.02 -30.59 -11.71
C ALA A 67 -7.40 -30.19 -11.19
N TRP A 68 -8.16 -29.51 -12.03
CA TRP A 68 -9.55 -29.16 -11.72
C TRP A 68 -10.45 -29.71 -12.82
N PRO A 69 -10.76 -31.02 -12.76
CA PRO A 69 -11.43 -31.81 -13.79
C PRO A 69 -12.72 -31.19 -14.34
N VAL A 70 -13.48 -30.53 -13.48
CA VAL A 70 -14.79 -30.00 -13.89
C VAL A 70 -14.83 -28.47 -13.84
N CYS A 71 -14.14 -27.88 -12.87
CA CYS A 71 -14.18 -26.43 -12.69
C CYS A 71 -13.11 -25.71 -13.50
N GLY A 72 -12.14 -26.46 -14.00
CA GLY A 72 -11.06 -25.87 -14.78
C GLY A 72 -11.51 -25.37 -16.14
N ARG A 73 -12.70 -25.78 -16.55
CA ARG A 73 -13.27 -25.34 -17.82
C ARG A 73 -13.41 -23.83 -17.88
N VAL B 2 -9.03 -0.36 9.89
CA VAL B 2 -9.74 -1.63 9.80
C VAL B 2 -10.75 -1.62 8.65
N ASN B 3 -11.63 -0.63 8.64
CA ASN B 3 -12.60 -0.47 7.56
C ASN B 3 -11.99 0.28 6.39
N TRP B 4 -11.24 -0.44 5.57
CA TRP B 4 -10.48 0.16 4.47
C TRP B 4 -11.37 0.53 3.28
N ASP B 5 -12.57 -0.04 3.24
CA ASP B 5 -13.50 0.25 2.14
C ASP B 5 -14.15 1.62 2.32
N ALA B 6 -14.39 2.00 3.57
CA ALA B 6 -14.96 3.31 3.87
C ALA B 6 -13.92 4.41 3.65
N ILE B 7 -12.66 4.07 3.89
CA ILE B 7 -11.56 5.00 3.68
C ILE B 7 -11.31 5.22 2.20
N ALA B 8 -11.28 4.13 1.44
CA ALA B 8 -11.06 4.20 0.00
C ALA B 8 -12.21 4.94 -0.69
N GLN B 9 -13.41 4.80 -0.16
CA GLN B 9 -14.56 5.54 -0.65
C GLN B 9 -14.36 7.03 -0.45
N CYS B 10 -13.68 7.40 0.64
CA CYS B 10 -13.40 8.80 0.93
C CYS B 10 -12.23 9.31 0.11
N GLU B 11 -11.23 8.46 -0.08
CA GLU B 11 -9.99 8.86 -0.76
C GLU B 11 -10.12 8.87 -2.27
N SER B 12 -10.81 7.88 -2.82
CA SER B 12 -10.85 7.68 -4.26
C SER B 12 -12.25 7.49 -4.82
N GLY B 13 -13.25 7.42 -3.94
CA GLY B 13 -14.62 7.20 -4.38
C GLY B 13 -14.88 5.76 -4.72
N GLY B 14 -14.03 4.86 -4.21
CA GLY B 14 -14.20 3.43 -4.42
C GLY B 14 -13.54 2.92 -5.69
N ASN B 15 -12.75 3.78 -6.33
CA ASN B 15 -12.03 3.39 -7.54
C ASN B 15 -10.62 2.90 -7.19
N TRP B 16 -10.45 1.59 -7.18
CA TRP B 16 -9.20 0.99 -6.70
C TRP B 16 -8.09 0.98 -7.76
N SER B 17 -8.37 1.51 -8.94
CA SER B 17 -7.40 1.46 -10.03
C SER B 17 -7.25 2.78 -10.78
N ILE B 18 -7.16 3.88 -10.05
CA ILE B 18 -6.97 5.17 -10.70
C ILE B 18 -5.51 5.49 -10.92
N ASN B 19 -5.24 6.29 -11.95
CA ASN B 19 -3.96 6.95 -12.10
C ASN B 19 -4.16 8.25 -12.86
N THR B 20 -4.75 9.23 -12.19
CA THR B 20 -5.01 10.53 -12.77
C THR B 20 -3.72 11.29 -13.08
N GLY B 21 -2.61 10.79 -12.54
CA GLY B 21 -1.32 11.42 -12.72
C GLY B 21 -1.14 12.57 -11.76
N ASN B 22 -1.74 12.45 -10.58
CA ASN B 22 -1.64 13.48 -9.56
C ASN B 22 -0.56 13.16 -8.53
N GLY B 23 0.20 12.12 -8.80
CA GLY B 23 1.31 11.73 -7.94
C GLY B 23 0.96 10.61 -6.98
N TYR B 24 -0.26 10.07 -7.12
CA TYR B 24 -0.73 9.02 -6.23
C TYR B 24 -1.28 7.83 -7.02
N TYR B 25 -1.45 6.69 -6.36
CA TYR B 25 -1.94 5.49 -7.03
C TYR B 25 -2.86 4.66 -6.15
N GLY B 26 -3.96 4.19 -6.74
CA GLY B 26 -4.84 3.25 -6.07
C GLY B 26 -6.09 3.85 -5.45
N GLY B 27 -6.94 2.97 -4.91
CA GLY B 27 -8.16 3.39 -4.24
C GLY B 27 -7.91 4.02 -2.90
N LEU B 28 -6.71 3.79 -2.37
CA LEU B 28 -6.30 4.41 -1.12
C LEU B 28 -5.34 5.55 -1.43
N ARG B 29 -5.06 5.73 -2.72
CA ARG B 29 -4.25 6.82 -3.23
C ARG B 29 -2.85 6.84 -2.61
N PHE B 30 -2.10 5.75 -2.81
CA PHE B 30 -0.73 5.65 -2.29
C PHE B 30 0.23 6.43 -3.18
N THR B 31 1.29 6.98 -2.57
CA THR B 31 2.38 7.57 -3.33
C THR B 31 3.28 6.45 -3.84
N ALA B 32 3.98 6.71 -4.94
CA ALA B 32 4.87 5.72 -5.53
C ALA B 32 5.98 5.33 -4.55
N GLY B 33 6.49 6.30 -3.81
CA GLY B 33 7.53 6.07 -2.83
C GLY B 33 7.06 5.21 -1.68
N THR B 34 5.79 5.34 -1.32
CA THR B 34 5.20 4.53 -0.27
C THR B 34 4.92 3.12 -0.78
N TRP B 35 4.55 3.02 -2.06
CA TRP B 35 4.30 1.73 -2.67
C TRP B 35 5.59 1.15 -3.24
N ARG B 36 6.52 0.84 -2.35
CA ARG B 36 7.77 0.15 -2.67
C ARG B 36 8.52 -0.07 -1.38
N ALA B 37 8.20 0.75 -0.38
CA ALA B 37 8.83 0.67 0.93
C ALA B 37 8.05 -0.24 1.86
N ASN B 38 6.74 -0.27 1.69
CA ASN B 38 5.86 -1.05 2.56
C ASN B 38 5.42 -2.36 1.91
N GLY B 39 6.33 -2.97 1.17
CA GLY B 39 6.04 -4.24 0.52
C GLY B 39 5.29 -4.07 -0.79
N GLY B 40 5.12 -2.81 -1.20
CA GLY B 40 4.42 -2.50 -2.44
C GLY B 40 5.16 -3.01 -3.65
N SER B 41 5.03 -4.31 -3.92
CA SER B 41 5.68 -4.92 -5.08
C SER B 41 4.98 -4.51 -6.36
N GLY B 42 5.57 -3.57 -7.08
CA GLY B 42 4.99 -3.06 -8.32
C GLY B 42 4.69 -1.58 -8.25
N SER B 43 3.63 -1.16 -8.93
CA SER B 43 3.18 0.23 -8.89
C SER B 43 1.66 0.29 -9.01
N ALA B 44 0.99 0.29 -7.86
CA ALA B 44 -0.44 0.04 -7.82
C ALA B 44 -1.25 1.15 -7.13
N ALA B 45 -2.37 1.61 -7.72
CA ALA B 45 -2.94 1.26 -9.05
C ALA B 45 -3.24 -0.23 -9.32
N ASN B 46 -2.40 -0.87 -10.13
CA ASN B 46 -2.71 -2.19 -10.68
C ASN B 46 -2.77 -3.37 -9.69
N ALA B 47 -3.08 -3.12 -8.43
CA ALA B 47 -3.19 -4.21 -7.47
C ALA B 47 -4.62 -4.72 -7.36
N SER B 48 -4.78 -5.82 -6.64
CA SER B 48 -6.09 -6.27 -6.21
C SER B 48 -6.54 -5.35 -5.09
N ARG B 49 -7.83 -5.36 -4.78
CA ARG B 49 -8.33 -4.65 -3.61
C ARG B 49 -7.66 -5.21 -2.37
N GLU B 50 -7.44 -6.52 -2.39
CA GLU B 50 -6.86 -7.24 -1.26
C GLU B 50 -5.38 -6.90 -1.06
N GLU B 51 -4.65 -6.72 -2.15
CA GLU B 51 -3.22 -6.44 -2.07
C GLU B 51 -2.97 -5.05 -1.50
N GLN B 52 -3.73 -4.07 -1.96
CA GLN B 52 -3.56 -2.68 -1.51
C GLN B 52 -3.82 -2.56 -0.01
N ILE B 53 -4.78 -3.31 0.49
CA ILE B 53 -5.10 -3.32 1.93
C ILE B 53 -3.94 -3.92 2.71
N ARG B 54 -3.35 -4.98 2.17
CA ARG B 54 -2.22 -5.66 2.82
C ARG B 54 -1.06 -4.70 3.01
N VAL B 55 -0.83 -3.86 2.01
CA VAL B 55 0.21 -2.84 2.10
C VAL B 55 -0.26 -1.71 3.00
N ALA B 56 -1.55 -1.39 2.93
CA ALA B 56 -2.14 -0.37 3.79
C ALA B 56 -2.04 -0.78 5.26
N GLU B 57 -2.14 -2.08 5.51
CA GLU B 57 -2.00 -2.61 6.86
C GLU B 57 -0.57 -2.45 7.35
N ASN B 58 0.37 -2.40 6.40
CA ASN B 58 1.77 -2.17 6.72
C ASN B 58 2.06 -0.71 6.99
N VAL B 59 1.42 0.17 6.22
CA VAL B 59 1.58 1.60 6.40
C VAL B 59 0.94 2.05 7.71
N LEU B 60 -0.16 1.40 8.07
CA LEU B 60 -0.87 1.72 9.31
C LEU B 60 -0.06 1.32 10.54
N ARG B 61 0.67 0.22 10.42
CA ARG B 61 1.48 -0.29 11.53
C ARG B 61 2.73 0.54 11.75
N SER B 62 3.27 1.09 10.66
CA SER B 62 4.52 1.83 10.72
C SER B 62 4.30 3.34 10.83
N GLN B 63 3.47 3.89 9.95
CA GLN B 63 3.24 5.33 9.91
C GLN B 63 2.08 5.76 10.79
N GLY B 64 1.11 4.86 10.98
CA GLY B 64 -0.08 5.18 11.76
C GLY B 64 -1.23 5.57 10.86
N ILE B 65 -2.36 5.92 11.47
CA ILE B 65 -3.55 6.29 10.73
C ILE B 65 -3.40 7.68 10.10
N ARG B 66 -2.35 8.38 10.52
CA ARG B 66 -2.09 9.75 10.04
C ARG B 66 -1.77 9.79 8.55
N ALA B 67 -1.48 8.63 7.96
CA ALA B 67 -1.21 8.54 6.54
C ALA B 67 -2.42 8.98 5.71
N TRP B 68 -3.61 8.77 6.28
CA TRP B 68 -4.85 9.26 5.68
C TRP B 68 -5.57 10.16 6.68
N PRO B 69 -5.19 11.44 6.71
CA PRO B 69 -5.62 12.41 7.73
C PRO B 69 -7.14 12.57 7.87
N VAL B 70 -7.84 12.71 6.75
CA VAL B 70 -9.27 13.00 6.80
C VAL B 70 -10.12 11.73 6.68
N CYS B 71 -9.76 10.87 5.72
CA CYS B 71 -10.55 9.67 5.44
C CYS B 71 -10.24 8.54 6.41
N GLY B 72 -9.13 8.67 7.14
CA GLY B 72 -8.74 7.68 8.13
C GLY B 72 -9.70 7.67 9.30
N ARG B 73 -10.44 8.77 9.43
CA ARG B 73 -11.41 8.91 10.50
C ARG B 73 -12.68 8.16 10.19
N ARG B 74 -12.68 7.44 9.07
CA ARG B 74 -13.86 6.70 8.65
C ARG B 74 -13.67 5.21 8.75
N GLY B 75 -12.52 4.79 9.27
CA GLY B 75 -12.21 3.38 9.34
C GLY B 75 -12.48 2.78 10.70
N VAL C 2 -7.35 4.84 27.54
CA VAL C 2 -6.64 4.73 28.81
C VAL C 2 -5.25 4.15 28.57
N ASN C 3 -5.16 3.20 27.65
CA ASN C 3 -3.87 2.70 27.19
C ASN C 3 -3.38 3.57 26.04
N TRP C 4 -2.80 4.71 26.40
CA TRP C 4 -2.46 5.74 25.42
C TRP C 4 -1.35 5.35 24.46
N ASP C 5 -0.45 4.47 24.91
CA ASP C 5 0.67 4.04 24.07
C ASP C 5 0.16 3.29 22.84
N ALA C 6 -0.82 2.41 23.06
CA ALA C 6 -1.39 1.62 21.98
C ALA C 6 -2.17 2.51 21.01
N ILE C 7 -2.85 3.52 21.57
CA ILE C 7 -3.60 4.47 20.77
C ILE C 7 -2.65 5.33 19.94
N ALA C 8 -1.57 5.79 20.58
CA ALA C 8 -0.59 6.63 19.90
C ALA C 8 0.21 5.82 18.88
N GLN C 9 0.41 4.54 19.17
CA GLN C 9 1.10 3.64 18.25
C GLN C 9 0.36 3.53 16.92
N CYS C 10 -0.97 3.68 16.98
CA CYS C 10 -1.80 3.52 15.79
C CYS C 10 -2.14 4.87 15.15
N GLU C 11 -2.08 5.93 15.95
CA GLU C 11 -2.38 7.27 15.46
C GLU C 11 -1.23 7.90 14.66
N SER C 12 0.00 7.66 15.11
CA SER C 12 1.16 8.32 14.51
C SER C 12 2.33 7.37 14.28
N GLY C 13 2.14 6.10 14.59
CA GLY C 13 3.18 5.11 14.41
C GLY C 13 3.93 4.82 15.71
N GLY C 14 3.86 5.75 16.65
CA GLY C 14 4.50 5.58 17.95
C GLY C 14 5.43 6.71 18.33
N ASN C 15 5.50 7.74 17.49
CA ASN C 15 6.37 8.88 17.74
C ASN C 15 5.70 9.93 18.61
N TRP C 16 6.11 10.03 19.87
CA TRP C 16 5.49 10.96 20.81
C TRP C 16 6.02 12.39 20.66
N SER C 17 6.85 12.61 19.65
CA SER C 17 7.43 13.92 19.42
C SER C 17 7.43 14.29 17.94
N ILE C 18 6.57 13.63 17.17
CA ILE C 18 6.53 13.85 15.73
C ILE C 18 5.87 15.17 15.37
N ASN C 19 6.52 15.92 14.48
CA ASN C 19 5.94 17.14 13.92
C ASN C 19 6.03 17.10 12.41
N THR C 20 5.08 16.41 11.79
CA THR C 20 5.05 16.26 10.33
C THR C 20 4.93 17.61 9.64
N GLY C 21 4.02 18.44 10.14
CA GLY C 21 3.76 19.73 9.55
C GLY C 21 2.49 19.72 8.73
N ASN C 22 1.49 18.97 9.21
CA ASN C 22 0.21 18.87 8.53
C ASN C 22 -0.95 19.33 9.40
N GLY C 23 -0.62 19.91 10.56
CA GLY C 23 -1.63 20.44 11.45
C GLY C 23 -1.67 19.78 12.81
N TYR C 24 -1.21 18.53 12.88
CA TYR C 24 -1.25 17.77 14.12
C TYR C 24 0.13 17.66 14.76
N TYR C 25 0.14 17.33 16.06
CA TYR C 25 1.39 17.24 16.80
C TYR C 25 1.37 16.09 17.81
N GLY C 26 2.54 15.54 18.10
CA GLY C 26 2.68 14.51 19.11
C GLY C 26 2.18 13.14 18.68
N GLY C 27 2.26 12.19 19.60
CA GLY C 27 1.87 10.82 19.32
C GLY C 27 0.37 10.62 19.21
N LEU C 28 -0.40 11.57 19.75
CA LEU C 28 -1.84 11.47 19.75
C LEU C 28 -2.47 12.43 18.73
N ARG C 29 -1.61 13.09 17.97
CA ARG C 29 -2.02 13.97 16.87
C ARG C 29 -2.98 15.07 17.30
N PHE C 30 -2.60 15.82 18.33
CA PHE C 30 -3.37 16.97 18.77
C PHE C 30 -3.20 18.14 17.81
N THR C 31 -4.29 18.86 17.56
CA THR C 31 -4.20 20.11 16.81
C THR C 31 -3.97 21.26 17.79
N ALA C 32 -3.61 22.42 17.25
CA ALA C 32 -3.39 23.60 18.08
C ALA C 32 -4.67 24.01 18.80
N GLY C 33 -5.81 23.71 18.17
CA GLY C 33 -7.10 24.06 18.72
C GLY C 33 -7.50 23.23 19.93
N THR C 34 -7.40 21.91 19.82
CA THR C 34 -7.83 21.02 20.89
C THR C 34 -6.75 20.84 21.96
N TRP C 35 -5.57 21.39 21.70
CA TRP C 35 -4.53 21.47 22.71
C TRP C 35 -4.79 22.70 23.56
N ARG C 36 -5.15 23.79 22.88
CA ARG C 36 -5.46 25.06 23.54
C ARG C 36 -6.70 24.95 24.41
N ALA C 37 -7.62 24.06 24.02
CA ALA C 37 -8.92 23.98 24.64
C ALA C 37 -9.00 22.96 25.78
N ASN C 38 -7.96 22.16 25.94
CA ASN C 38 -8.00 21.06 26.91
C ASN C 38 -6.86 21.05 27.93
N GLY C 39 -6.44 22.24 28.37
CA GLY C 39 -5.53 22.34 29.49
C GLY C 39 -4.08 22.64 29.16
N GLY C 40 -3.64 22.20 27.98
CA GLY C 40 -2.26 22.40 27.58
C GLY C 40 -2.02 23.72 26.89
N SER C 41 -1.01 24.45 27.36
CA SER C 41 -0.65 25.73 26.74
C SER C 41 0.74 25.64 26.12
N GLY C 42 1.04 26.58 25.22
CA GLY C 42 2.29 26.54 24.47
C GLY C 42 2.05 25.89 23.13
N SER C 43 2.59 24.68 22.95
CA SER C 43 2.34 23.90 21.74
C SER C 43 2.62 22.41 21.99
N ALA C 44 1.75 21.56 21.46
CA ALA C 44 1.81 20.13 21.71
C ALA C 44 3.07 19.47 21.16
N ALA C 45 3.70 20.16 20.20
CA ALA C 45 4.90 19.64 19.54
C ALA C 45 6.03 19.36 20.52
N ASN C 46 6.34 20.36 21.35
CA ASN C 46 7.45 20.27 22.29
C ASN C 46 7.05 19.54 23.57
N ALA C 47 5.77 19.21 23.69
CA ALA C 47 5.25 18.57 24.90
C ALA C 47 5.77 17.15 25.06
N SER C 48 6.18 16.82 26.29
CA SER C 48 6.62 15.47 26.63
C SER C 48 5.44 14.50 26.53
N ARG C 49 5.74 13.21 26.47
CA ARG C 49 4.72 12.17 26.40
C ARG C 49 3.73 12.28 27.55
N GLU C 50 4.25 12.54 28.74
CA GLU C 50 3.44 12.55 29.95
C GLU C 50 2.51 13.76 30.00
N GLU C 51 2.91 14.85 29.37
CA GLU C 51 2.08 16.05 29.34
C GLU C 51 0.97 15.92 28.28
N GLN C 52 1.29 15.23 27.19
CA GLN C 52 0.31 14.97 26.14
C GLN C 52 -0.81 14.08 26.65
N ILE C 53 -0.46 13.18 27.58
CA ILE C 53 -1.43 12.25 28.15
C ILE C 53 -2.39 12.94 29.11
N ARG C 54 -1.86 13.84 29.94
CA ARG C 54 -2.69 14.60 30.88
C ARG C 54 -3.73 15.41 30.14
N VAL C 55 -3.33 16.00 29.03
CA VAL C 55 -4.25 16.76 28.18
C VAL C 55 -5.25 15.84 27.52
N ALA C 56 -4.75 14.71 27.02
CA ALA C 56 -5.61 13.69 26.42
C ALA C 56 -6.61 13.17 27.44
N GLU C 57 -6.17 13.08 28.69
CA GLU C 57 -7.04 12.64 29.77
C GLU C 57 -8.19 13.63 29.94
N ASN C 58 -7.86 14.91 29.87
CA ASN C 58 -8.86 15.97 29.99
C ASN C 58 -9.91 15.90 28.89
N VAL C 59 -9.48 15.51 27.69
CA VAL C 59 -10.40 15.37 26.57
C VAL C 59 -11.37 14.23 26.80
N LEU C 60 -10.87 13.15 27.39
CA LEU C 60 -11.67 11.95 27.65
C LEU C 60 -12.77 12.22 28.68
N ARG C 61 -12.44 13.02 29.70
CA ARG C 61 -13.39 13.29 30.77
C ARG C 61 -14.46 14.29 30.35
N SER C 62 -14.31 14.87 29.17
CA SER C 62 -15.22 15.91 28.72
C SER C 62 -15.92 15.56 27.40
N GLN C 63 -15.16 15.04 26.46
CA GLN C 63 -15.68 14.78 25.12
C GLN C 63 -15.80 13.28 24.83
N GLY C 64 -15.05 12.47 25.57
CA GLY C 64 -15.11 11.04 25.42
C GLY C 64 -14.08 10.48 24.45
N ILE C 65 -14.21 9.20 24.13
CA ILE C 65 -13.25 8.51 23.27
C ILE C 65 -13.52 8.80 21.79
N ARG C 66 -14.59 9.56 21.53
CA ARG C 66 -14.95 9.91 20.16
C ARG C 66 -13.90 10.80 19.50
N ALA C 67 -13.06 11.42 20.31
CA ALA C 67 -11.98 12.27 19.80
C ALA C 67 -10.99 11.44 18.99
N TRP C 68 -10.88 10.16 19.33
CA TRP C 68 -10.07 9.22 18.56
C TRP C 68 -10.97 8.12 17.99
N PRO C 69 -11.62 8.41 16.85
CA PRO C 69 -12.60 7.53 16.23
C PRO C 69 -12.06 6.14 15.93
N VAL C 70 -11.15 6.06 14.97
CA VAL C 70 -10.61 4.78 14.51
C VAL C 70 -9.57 4.22 15.47
N CYS C 71 -8.88 5.10 16.21
CA CYS C 71 -7.72 4.68 16.97
C CYS C 71 -7.95 4.55 18.47
N GLY C 72 -9.11 4.98 18.95
CA GLY C 72 -9.39 4.96 20.38
C GLY C 72 -9.49 3.58 21.01
N ARG C 73 -8.68 2.64 20.52
CA ARG C 73 -8.71 1.27 21.00
C ARG C 73 -7.30 0.76 21.29
N ASN D 3 16.65 -11.24 -16.65
CA ASN D 3 17.69 -10.90 -15.70
C ASN D 3 17.32 -11.32 -14.28
N TRP D 4 16.95 -10.33 -13.47
CA TRP D 4 16.64 -10.57 -12.06
C TRP D 4 15.40 -11.44 -11.86
N ASP D 5 14.51 -11.45 -12.86
CA ASP D 5 13.31 -12.27 -12.78
C ASP D 5 13.63 -13.74 -13.08
N ALA D 6 14.51 -13.98 -14.04
CA ALA D 6 14.91 -15.33 -14.40
C ALA D 6 15.70 -15.98 -13.27
N ILE D 7 16.45 -15.16 -12.54
CA ILE D 7 17.24 -15.64 -11.41
C ILE D 7 16.35 -15.99 -10.22
N ALA D 8 15.39 -15.11 -9.95
CA ALA D 8 14.48 -15.27 -8.80
C ALA D 8 13.64 -16.54 -8.90
N GLN D 9 13.17 -16.84 -10.11
CA GLN D 9 12.38 -18.04 -10.35
C GLN D 9 13.21 -19.29 -10.08
N CYS D 10 14.48 -19.25 -10.48
CA CYS D 10 15.39 -20.35 -10.23
C CYS D 10 15.72 -20.47 -8.75
N GLU D 11 15.78 -19.32 -8.07
CA GLU D 11 16.27 -19.27 -6.70
C GLU D 11 15.19 -19.58 -5.67
N SER D 12 13.92 -19.38 -6.03
CA SER D 12 12.84 -19.57 -5.07
C SER D 12 11.49 -19.86 -5.71
N GLY D 13 11.47 -20.04 -7.03
CA GLY D 13 10.22 -20.33 -7.73
C GLY D 13 9.59 -19.09 -8.32
N GLY D 14 9.84 -17.95 -7.69
CA GLY D 14 9.26 -16.69 -8.12
C GLY D 14 8.53 -16.01 -6.98
N ASN D 15 8.58 -16.66 -5.82
CA ASN D 15 7.94 -16.13 -4.61
C ASN D 15 8.84 -15.13 -3.90
N TRP D 16 8.56 -13.84 -4.08
CA TRP D 16 9.35 -12.79 -3.44
C TRP D 16 9.00 -12.66 -1.96
N SER D 17 7.94 -13.33 -1.53
CA SER D 17 7.51 -13.25 -0.14
C SER D 17 7.91 -14.50 0.64
N ILE D 18 8.71 -15.35 0.01
CA ILE D 18 9.12 -16.62 0.62
C ILE D 18 9.92 -16.38 1.91
N ASN D 19 9.72 -17.26 2.89
CA ASN D 19 10.41 -17.17 4.17
C ASN D 19 10.39 -18.53 4.86
N THR D 20 11.28 -19.42 4.44
CA THR D 20 11.28 -20.79 4.93
C THR D 20 12.10 -20.97 6.22
N GLY D 21 12.45 -19.86 6.87
CA GLY D 21 13.22 -19.90 8.11
C GLY D 21 14.59 -20.53 7.93
N ASN D 22 15.07 -20.52 6.69
CA ASN D 22 16.34 -21.15 6.33
C ASN D 22 17.55 -20.29 6.69
N GLY D 23 17.33 -18.99 6.80
CA GLY D 23 18.40 -18.04 6.99
C GLY D 23 18.49 -17.11 5.79
N TYR D 24 17.92 -17.56 4.67
CA TYR D 24 17.82 -16.73 3.48
C TYR D 24 16.41 -16.16 3.38
N TYR D 25 16.27 -14.97 2.81
CA TYR D 25 14.97 -14.35 2.71
C TYR D 25 14.74 -13.71 1.35
N GLY D 26 13.48 -13.56 0.96
CA GLY D 26 13.14 -12.92 -0.30
C GLY D 26 13.27 -13.84 -1.49
N GLY D 27 12.85 -13.35 -2.65
CA GLY D 27 12.87 -14.15 -3.87
C GLY D 27 14.27 -14.44 -4.41
N LEU D 28 15.27 -13.74 -3.89
CA LEU D 28 16.64 -13.94 -4.32
C LEU D 28 17.49 -14.57 -3.22
N ARG D 29 16.84 -14.90 -2.11
CA ARG D 29 17.46 -15.58 -0.98
C ARG D 29 18.66 -14.84 -0.40
N PHE D 30 18.40 -13.70 0.23
CA PHE D 30 19.44 -12.97 0.94
C PHE D 30 19.54 -13.46 2.38
N THR D 31 20.77 -13.63 2.86
CA THR D 31 20.98 -13.91 4.27
C THR D 31 20.62 -12.65 5.07
N ALA D 32 20.44 -12.80 6.38
CA ALA D 32 20.08 -11.67 7.22
C ALA D 32 21.17 -10.59 7.19
N GLY D 33 22.42 -11.03 7.31
CA GLY D 33 23.54 -10.11 7.30
C GLY D 33 23.74 -9.42 5.97
N THR D 34 23.75 -10.20 4.89
CA THR D 34 24.00 -9.67 3.55
C THR D 34 22.92 -8.68 3.13
N TRP D 35 21.69 -8.90 3.57
CA TRP D 35 20.57 -8.04 3.23
C TRP D 35 20.78 -6.62 3.74
N ARG D 36 21.03 -6.49 5.04
CA ARG D 36 21.27 -5.19 5.65
C ARG D 36 22.59 -4.57 5.21
N ALA D 37 23.57 -5.43 4.95
CA ALA D 37 24.91 -4.99 4.59
C ALA D 37 24.94 -4.22 3.27
N ASN D 38 24.01 -4.57 2.38
CA ASN D 38 23.96 -3.94 1.06
C ASN D 38 22.86 -2.88 0.95
N GLY D 39 22.48 -2.32 2.09
CA GLY D 39 21.51 -1.23 2.11
C GLY D 39 20.06 -1.67 2.15
N GLY D 40 19.81 -2.88 2.64
CA GLY D 40 18.46 -3.39 2.79
C GLY D 40 17.81 -2.87 4.06
N SER D 41 16.49 -2.76 4.06
CA SER D 41 15.77 -2.26 5.22
C SER D 41 15.56 -3.36 6.26
N GLY D 42 14.31 -3.68 6.53
CA GLY D 42 13.97 -4.70 7.51
C GLY D 42 14.27 -6.10 7.01
N SER D 43 13.26 -6.77 6.47
CA SER D 43 13.42 -8.12 5.96
C SER D 43 13.30 -8.14 4.43
N ALA D 44 13.99 -9.09 3.81
CA ALA D 44 13.91 -9.27 2.36
C ALA D 44 12.58 -9.90 1.99
N ALA D 45 11.98 -10.62 2.94
CA ALA D 45 10.70 -11.28 2.74
C ALA D 45 9.58 -10.27 2.62
N ASN D 46 9.57 -9.29 3.53
CA ASN D 46 8.55 -8.25 3.52
C ASN D 46 8.94 -7.05 2.67
N ALA D 47 9.89 -7.25 1.76
CA ALA D 47 10.35 -6.18 0.89
C ALA D 47 9.76 -6.35 -0.51
N SER D 48 9.53 -5.22 -1.19
CA SER D 48 9.00 -5.25 -2.55
C SER D 48 10.05 -5.78 -3.51
N ARG D 49 9.60 -6.21 -4.69
CA ARG D 49 10.48 -6.71 -5.73
C ARG D 49 11.52 -5.68 -6.12
N GLU D 50 11.07 -4.45 -6.34
CA GLU D 50 11.95 -3.35 -6.73
C GLU D 50 13.01 -3.07 -5.67
N GLU D 51 12.64 -3.23 -4.40
CA GLU D 51 13.57 -3.02 -3.30
C GLU D 51 14.62 -4.13 -3.24
N GLN D 52 14.18 -5.36 -3.46
CA GLN D 52 15.09 -6.51 -3.45
C GLN D 52 16.06 -6.44 -4.61
N ILE D 53 15.57 -6.02 -5.77
CA ILE D 53 16.40 -5.84 -6.96
C ILE D 53 17.41 -4.73 -6.71
N ARG D 54 16.99 -3.69 -5.97
CA ARG D 54 17.87 -2.59 -5.62
C ARG D 54 19.06 -3.08 -4.81
N VAL D 55 18.78 -3.89 -3.79
CA VAL D 55 19.82 -4.48 -2.95
C VAL D 55 20.65 -5.47 -3.76
N ALA D 56 19.98 -6.20 -4.64
CA ALA D 56 20.65 -7.22 -5.47
C ALA D 56 21.75 -6.62 -6.33
N GLU D 57 21.50 -5.42 -6.85
CA GLU D 57 22.49 -4.72 -7.66
C GLU D 57 23.73 -4.38 -6.84
N ASN D 58 23.52 -4.10 -5.56
CA ASN D 58 24.62 -3.79 -4.65
C ASN D 58 25.46 -5.03 -4.35
N VAL D 59 24.80 -6.17 -4.21
CA VAL D 59 25.49 -7.44 -4.03
C VAL D 59 26.18 -7.83 -5.33
N LEU D 60 25.62 -7.37 -6.44
CA LEU D 60 26.18 -7.64 -7.76
C LEU D 60 27.46 -6.84 -7.99
N ARG D 61 27.58 -5.72 -7.28
CA ARG D 61 28.73 -4.84 -7.45
C ARG D 61 29.86 -5.16 -6.46
N SER D 62 29.49 -5.58 -5.26
CA SER D 62 30.47 -5.88 -4.23
C SER D 62 30.94 -7.32 -4.29
N GLN D 63 30.00 -8.24 -4.43
CA GLN D 63 30.30 -9.67 -4.48
C GLN D 63 30.33 -10.18 -5.92
N GLY D 64 29.30 -9.84 -6.68
CA GLY D 64 29.19 -10.28 -8.06
C GLY D 64 28.14 -11.36 -8.25
N ILE D 65 28.13 -11.98 -9.42
CA ILE D 65 27.15 -13.01 -9.74
C ILE D 65 27.41 -14.29 -8.96
N ARG D 66 28.52 -14.32 -8.23
CA ARG D 66 28.89 -15.48 -7.43
C ARG D 66 27.93 -15.71 -6.28
N ALA D 67 27.18 -14.68 -5.91
CA ALA D 67 26.19 -14.79 -4.84
C ALA D 67 25.10 -15.78 -5.22
N TRP D 68 24.79 -15.83 -6.51
CA TRP D 68 23.81 -16.78 -7.03
C TRP D 68 24.49 -17.68 -8.08
N PRO D 69 25.17 -18.73 -7.61
CA PRO D 69 26.00 -19.60 -8.45
C PRO D 69 25.24 -20.29 -9.57
N VAL D 70 24.28 -21.14 -9.22
CA VAL D 70 23.56 -21.97 -10.18
C VAL D 70 22.50 -21.19 -10.95
N CYS D 71 21.85 -20.25 -10.28
CA CYS D 71 20.75 -19.50 -10.88
C CYS D 71 21.22 -18.24 -11.58
N GLY D 72 22.51 -17.95 -11.48
CA GLY D 72 23.06 -16.73 -12.05
C GLY D 72 23.52 -16.88 -13.49
N ARG D 73 23.10 -17.97 -14.14
CA ARG D 73 23.45 -18.19 -15.53
C ARG D 73 22.45 -17.55 -16.47
N ASN E 3 16.15 11.15 18.15
CA ASN E 3 14.76 10.74 18.18
C ASN E 3 13.78 11.92 18.24
N TRP E 4 13.41 12.52 17.11
CA TRP E 4 14.02 12.28 15.79
C TRP E 4 13.72 13.50 14.92
N ASP E 5 12.55 14.10 15.15
CA ASP E 5 12.13 15.28 14.41
C ASP E 5 12.87 16.51 14.87
N ALA E 6 13.49 16.40 16.05
CA ALA E 6 14.29 17.49 16.60
C ALA E 6 15.52 17.74 15.73
N ILE E 7 16.06 16.67 15.16
CA ILE E 7 17.21 16.78 14.26
C ILE E 7 16.84 17.53 13.00
N ALA E 8 15.68 17.21 12.44
CA ALA E 8 15.19 17.86 11.23
C ALA E 8 14.86 19.32 11.49
N GLN E 9 14.38 19.60 12.70
CA GLN E 9 14.11 20.98 13.11
C GLN E 9 15.41 21.78 13.13
N CYS E 10 16.51 21.11 13.46
CA CYS E 10 17.81 21.75 13.53
C CYS E 10 18.44 21.93 12.14
N GLU E 11 18.29 20.91 11.30
CA GLU E 11 18.95 20.89 10.00
C GLU E 11 18.22 21.70 8.94
N SER E 12 16.89 21.58 8.90
CA SER E 12 16.11 22.16 7.82
C SER E 12 15.07 23.18 8.30
N GLY E 13 14.82 23.19 9.60
CA GLY E 13 13.83 24.10 10.15
C GLY E 13 12.53 23.42 10.54
N GLY E 14 12.35 22.19 10.07
CA GLY E 14 11.19 21.40 10.43
C GLY E 14 10.34 20.90 9.27
N ASN E 15 10.84 21.04 8.04
CA ASN E 15 10.11 20.54 6.88
C ASN E 15 10.98 19.62 6.02
N TRP E 16 10.35 18.59 5.44
CA TRP E 16 11.08 17.47 4.83
C TRP E 16 11.13 17.50 3.31
N SER E 17 10.66 18.57 2.70
CA SER E 17 10.55 18.62 1.25
C SER E 17 11.41 19.71 0.61
N ILE E 18 12.60 19.92 1.18
CA ILE E 18 13.47 21.01 0.74
C ILE E 18 14.15 20.73 -0.61
N ASN E 19 14.32 21.79 -1.39
CA ASN E 19 15.17 21.74 -2.57
C ASN E 19 15.73 23.13 -2.88
N THR E 20 16.62 23.60 -2.02
CA THR E 20 17.23 24.91 -2.18
C THR E 20 18.27 24.86 -3.30
N GLY E 21 18.59 23.66 -3.74
CA GLY E 21 19.57 23.48 -4.80
C GLY E 21 20.98 23.68 -4.29
N ASN E 22 21.13 23.63 -2.96
CA ASN E 22 22.42 23.81 -2.33
C ASN E 22 23.21 22.51 -2.26
N GLY E 23 22.69 21.47 -2.89
CA GLY E 23 23.35 20.18 -2.91
C GLY E 23 22.76 19.21 -1.91
N TYR E 24 22.11 19.74 -0.88
CA TYR E 24 21.50 18.91 0.16
C TYR E 24 20.00 18.86 -0.04
N TYR E 25 19.38 17.76 0.38
CA TYR E 25 17.94 17.57 0.17
C TYR E 25 17.25 16.98 1.39
N GLY E 26 15.97 17.30 1.54
CA GLY E 26 15.16 16.75 2.60
C GLY E 26 15.29 17.46 3.92
N GLY E 27 14.57 16.95 4.93
CA GLY E 27 14.57 17.55 6.25
C GLY E 27 15.83 17.31 7.04
N LEU E 28 16.61 16.31 6.63
CA LEU E 28 17.86 15.98 7.31
C LEU E 28 19.05 16.34 6.44
N ARG E 29 18.78 17.03 5.34
CA ARG E 29 19.79 17.53 4.41
C ARG E 29 20.73 16.42 3.93
N PHE E 30 20.23 15.58 3.03
CA PHE E 30 21.06 14.52 2.44
C PHE E 30 21.67 14.98 1.12
N THR E 31 22.95 14.70 0.94
CA THR E 31 23.58 14.87 -0.36
C THR E 31 23.13 13.72 -1.25
N ALA E 32 23.09 13.95 -2.56
CA ALA E 32 22.63 12.94 -3.51
C ALA E 32 23.51 11.69 -3.46
N GLY E 33 24.76 11.87 -3.05
CA GLY E 33 25.70 10.77 -2.96
C GLY E 33 25.47 9.91 -1.73
N THR E 34 25.34 10.55 -0.57
CA THR E 34 25.13 9.83 0.68
C THR E 34 23.70 9.27 0.78
N TRP E 35 22.83 9.73 -0.13
CA TRP E 35 21.47 9.22 -0.19
C TRP E 35 21.45 7.88 -0.92
N ARG E 36 22.04 7.85 -2.11
CA ARG E 36 22.13 6.63 -2.90
C ARG E 36 22.92 5.52 -2.19
N ALA E 37 23.99 5.91 -1.51
CA ALA E 37 24.89 4.95 -0.88
C ALA E 37 24.37 4.49 0.48
N ASN E 38 23.10 4.77 0.77
CA ASN E 38 22.49 4.35 2.02
C ASN E 38 21.03 3.92 1.85
N GLY E 39 20.76 3.20 0.78
CA GLY E 39 19.42 2.66 0.55
C GLY E 39 18.42 3.69 0.04
N GLY E 40 18.91 4.71 -0.65
CA GLY E 40 18.05 5.76 -1.13
C GLY E 40 17.46 5.49 -2.50
N SER E 41 16.16 5.76 -2.63
CA SER E 41 15.48 5.70 -3.92
C SER E 41 15.43 7.08 -4.55
N GLY E 42 16.25 7.28 -5.58
CA GLY E 42 16.39 8.58 -6.22
C GLY E 42 15.09 9.22 -6.68
N SER E 43 14.93 10.49 -6.37
CA SER E 43 15.93 11.25 -5.63
C SER E 43 15.53 11.42 -4.17
N ALA E 44 16.25 12.28 -3.46
CA ALA E 44 16.01 12.54 -2.05
C ALA E 44 14.97 13.63 -1.86
N ALA E 45 14.76 14.43 -2.90
CA ALA E 45 13.81 15.52 -2.85
C ALA E 45 12.37 15.03 -3.00
N ASN E 46 12.14 14.14 -3.96
CA ASN E 46 10.80 13.65 -4.22
C ASN E 46 10.37 12.56 -3.23
N ALA E 47 11.26 12.26 -2.29
CA ALA E 47 11.00 11.23 -1.29
C ALA E 47 10.18 11.75 -0.13
N SER E 48 9.59 10.83 0.63
CA SER E 48 8.71 11.20 1.75
C SER E 48 9.53 11.46 3.00
N ARG E 49 8.83 11.57 4.13
CA ARG E 49 9.48 11.74 5.42
C ARG E 49 10.04 10.40 5.90
N GLU E 50 9.16 9.40 5.94
CA GLU E 50 9.50 8.07 6.44
C GLU E 50 10.63 7.44 5.62
N GLU E 51 10.69 7.78 4.34
CA GLU E 51 11.76 7.29 3.48
C GLU E 51 13.09 7.95 3.83
N GLN E 52 13.02 9.19 4.33
CA GLN E 52 14.21 9.90 4.77
C GLN E 52 14.71 9.33 6.10
N ILE E 53 13.78 8.94 6.97
CA ILE E 53 14.15 8.29 8.22
C ILE E 53 14.87 6.98 7.92
N ARG E 54 14.24 6.17 7.08
CA ARG E 54 14.75 4.85 6.68
C ARG E 54 16.20 4.91 6.20
N VAL E 55 16.52 5.93 5.42
CA VAL E 55 17.86 6.11 4.91
C VAL E 55 18.78 6.64 6.02
N ALA E 56 18.24 7.51 6.86
CA ALA E 56 19.01 8.13 7.93
C ALA E 56 19.44 7.14 9.02
N GLU E 57 18.83 5.95 9.01
CA GLU E 57 19.18 4.93 9.98
C GLU E 57 20.32 4.05 9.45
N ASN E 58 20.37 3.91 8.13
CA ASN E 58 21.48 3.22 7.48
C ASN E 58 22.79 3.98 7.71
N VAL E 59 22.70 5.30 7.71
CA VAL E 59 23.85 6.14 7.98
C VAL E 59 24.26 6.04 9.44
N LEU E 60 23.25 5.94 10.31
CA LEU E 60 23.47 5.85 11.75
C LEU E 60 24.16 4.55 12.15
N ARG E 61 23.82 3.46 11.46
CA ARG E 61 24.38 2.15 11.78
C ARG E 61 25.80 1.98 11.25
N SER E 62 26.13 2.72 10.19
CA SER E 62 27.45 2.60 9.58
C SER E 62 28.41 3.67 10.13
N GLN E 63 27.99 4.92 10.08
CA GLN E 63 28.84 6.04 10.49
C GLN E 63 28.54 6.48 11.91
N GLY E 64 27.26 6.57 12.25
CA GLY E 64 26.85 7.05 13.57
C GLY E 64 26.30 8.46 13.49
N ILE E 65 26.09 9.08 14.65
CA ILE E 65 25.55 10.45 14.70
C ILE E 65 26.61 11.49 14.30
N ARG E 66 27.72 10.99 13.78
CA ARG E 66 28.77 11.83 13.21
C ARG E 66 28.25 12.58 11.99
N ALA E 67 27.34 11.94 11.26
CA ALA E 67 26.76 12.52 10.05
C ALA E 67 26.07 13.86 10.33
N TRP E 68 25.49 13.98 11.53
CA TRP E 68 24.91 15.24 11.99
C TRP E 68 25.68 15.74 13.20
N PRO E 69 26.84 16.38 12.94
CA PRO E 69 27.80 16.75 13.98
C PRO E 69 27.30 17.81 14.96
N VAL E 70 26.24 18.52 14.59
CA VAL E 70 25.70 19.57 15.43
C VAL E 70 24.23 19.29 15.81
N CYS E 71 23.48 18.76 14.87
CA CYS E 71 22.05 18.55 15.06
C CYS E 71 21.73 17.18 15.66
N GLY E 72 22.74 16.32 15.76
CA GLY E 72 22.56 15.02 16.37
C GLY E 72 22.63 15.09 17.88
N ARG E 73 21.93 16.05 18.46
CA ARG E 73 21.93 16.26 19.90
C ARG E 73 20.51 16.46 20.43
N ASN F 3 -32.94 -3.15 -14.54
CA ASN F 3 -31.98 -2.18 -14.06
C ASN F 3 -31.13 -1.63 -15.22
N TRP F 4 -29.83 -1.89 -15.18
CA TRP F 4 -28.96 -1.49 -16.27
C TRP F 4 -29.18 -2.42 -17.47
N ASP F 5 -28.28 -2.37 -18.45
CA ASP F 5 -28.46 -3.07 -19.72
C ASP F 5 -29.74 -2.60 -20.43
N ALA F 6 -30.88 -2.82 -19.79
CA ALA F 6 -32.17 -2.38 -20.30
C ALA F 6 -32.19 -0.88 -20.57
N ILE F 7 -31.50 -0.12 -19.72
CA ILE F 7 -31.35 1.31 -19.92
C ILE F 7 -30.43 1.58 -21.10
N ALA F 8 -29.35 0.80 -21.18
CA ALA F 8 -28.36 0.96 -22.23
C ALA F 8 -28.93 0.66 -23.62
N GLN F 9 -29.78 -0.36 -23.71
CA GLN F 9 -30.38 -0.75 -24.97
C GLN F 9 -31.26 0.36 -25.55
N CYS F 10 -31.93 1.08 -24.67
CA CYS F 10 -32.77 2.20 -25.09
C CYS F 10 -31.91 3.42 -25.39
N GLU F 11 -30.74 3.49 -24.75
CA GLU F 11 -29.86 4.64 -24.85
C GLU F 11 -28.91 4.55 -26.05
N SER F 12 -28.25 3.40 -26.21
CA SER F 12 -27.24 3.26 -27.24
C SER F 12 -27.65 2.28 -28.34
N GLY F 13 -28.53 1.35 -28.01
CA GLY F 13 -28.95 0.33 -28.96
C GLY F 13 -28.53 -1.06 -28.52
N GLY F 14 -28.00 -1.15 -27.31
CA GLY F 14 -27.63 -2.43 -26.74
C GLY F 14 -26.15 -2.57 -26.47
N ASN F 15 -25.33 -2.30 -27.48
CA ASN F 15 -23.88 -2.46 -27.39
C ASN F 15 -23.26 -1.51 -26.36
N TRP F 16 -22.62 -2.09 -25.35
CA TRP F 16 -22.00 -1.33 -24.27
C TRP F 16 -20.69 -0.67 -24.67
N SER F 17 -20.38 -0.70 -25.97
CA SER F 17 -19.14 -0.14 -26.47
C SER F 17 -19.36 0.69 -27.73
N ILE F 18 -20.57 1.20 -27.89
CA ILE F 18 -20.91 2.07 -29.03
C ILE F 18 -20.07 3.34 -29.03
N ASN F 19 -19.51 3.69 -30.18
CA ASN F 19 -18.82 4.96 -30.34
C ASN F 19 -18.95 5.44 -31.78
N THR F 20 -19.95 6.27 -32.03
CA THR F 20 -20.20 6.79 -33.37
C THR F 20 -19.35 8.02 -33.67
N GLY F 21 -18.44 8.33 -32.76
CA GLY F 21 -17.54 9.46 -32.93
C GLY F 21 -18.25 10.80 -32.86
N ASN F 22 -18.62 11.21 -31.65
CA ASN F 22 -19.32 12.48 -31.43
C ASN F 22 -19.19 12.99 -30.01
N GLY F 23 -18.13 12.57 -29.33
CA GLY F 23 -17.89 13.01 -27.96
C GLY F 23 -18.58 12.14 -26.91
N TYR F 24 -19.60 11.41 -27.32
CA TYR F 24 -20.33 10.54 -26.38
C TYR F 24 -19.79 9.11 -26.42
N TYR F 25 -19.75 8.46 -25.27
CA TYR F 25 -19.16 7.12 -25.16
C TYR F 25 -19.97 6.19 -24.26
N GLY F 26 -20.00 4.91 -24.62
CA GLY F 26 -20.58 3.89 -23.76
C GLY F 26 -22.01 3.50 -24.09
N GLY F 27 -22.49 2.45 -23.43
CA GLY F 27 -23.85 1.98 -23.60
C GLY F 27 -24.85 2.94 -22.96
N LEU F 28 -24.38 3.71 -22.00
CA LEU F 28 -25.22 4.72 -21.36
C LEU F 28 -24.96 6.09 -21.98
N ARG F 29 -24.02 6.12 -22.93
CA ARG F 29 -23.69 7.31 -23.70
C ARG F 29 -23.21 8.47 -22.83
N PHE F 30 -22.16 8.22 -22.05
CA PHE F 30 -21.51 9.29 -21.28
C PHE F 30 -20.73 10.21 -22.21
N THR F 31 -20.45 11.43 -21.74
CA THR F 31 -19.54 12.32 -22.45
C THR F 31 -18.13 12.16 -21.88
N ALA F 32 -17.17 12.87 -22.45
CA ALA F 32 -15.80 12.82 -21.95
C ALA F 32 -15.71 13.47 -20.58
N GLY F 33 -16.52 14.51 -20.38
CA GLY F 33 -16.51 15.25 -19.12
C GLY F 33 -17.26 14.55 -18.01
N THR F 34 -18.51 14.16 -18.28
CA THR F 34 -19.37 13.55 -17.27
C THR F 34 -18.80 12.20 -16.80
N TRP F 35 -17.94 11.61 -17.63
CA TRP F 35 -17.30 10.36 -17.28
C TRP F 35 -16.36 10.53 -16.10
N ARG F 36 -15.32 11.33 -16.28
CA ARG F 36 -14.31 11.53 -15.25
C ARG F 36 -14.82 12.37 -14.08
N ALA F 37 -15.91 13.10 -14.31
CA ALA F 37 -16.51 13.93 -13.28
C ALA F 37 -17.21 13.08 -12.23
N ASN F 38 -17.49 11.83 -12.59
CA ASN F 38 -18.13 10.89 -11.66
C ASN F 38 -17.20 9.74 -11.30
N GLY F 39 -15.90 10.00 -11.31
CA GLY F 39 -14.91 9.01 -10.94
C GLY F 39 -14.55 8.05 -12.05
N GLY F 40 -14.71 8.50 -13.30
CA GLY F 40 -14.41 7.68 -14.44
C GLY F 40 -12.93 7.58 -14.71
N SER F 41 -12.36 6.39 -14.46
CA SER F 41 -10.95 6.15 -14.73
C SER F 41 -10.75 5.78 -16.20
N GLY F 42 -9.73 6.37 -16.82
CA GLY F 42 -9.49 6.17 -18.24
C GLY F 42 -10.58 6.82 -19.07
N SER F 43 -10.96 6.17 -20.16
CA SER F 43 -12.02 6.68 -21.02
C SER F 43 -13.13 5.65 -21.17
N ALA F 44 -14.34 6.12 -21.47
CA ALA F 44 -15.50 5.23 -21.58
C ALA F 44 -15.52 4.51 -22.92
N ALA F 45 -14.52 4.76 -23.76
CA ALA F 45 -14.40 4.08 -25.04
C ALA F 45 -13.79 2.69 -24.84
N ASN F 46 -12.77 2.62 -23.99
CA ASN F 46 -12.11 1.35 -23.69
C ASN F 46 -12.63 0.74 -22.40
N ALA F 47 -13.59 1.41 -21.78
CA ALA F 47 -14.11 0.98 -20.48
C ALA F 47 -14.97 -0.28 -20.59
N SER F 48 -14.90 -1.13 -19.58
CA SER F 48 -15.72 -2.34 -19.53
C SER F 48 -17.19 -2.01 -19.33
N ARG F 49 -18.05 -3.03 -19.46
CA ARG F 49 -19.45 -2.90 -19.14
C ARG F 49 -19.63 -2.61 -17.66
N GLU F 50 -18.93 -3.38 -16.83
CA GLU F 50 -19.02 -3.25 -15.38
C GLU F 50 -18.40 -1.96 -14.88
N GLU F 51 -17.39 -1.46 -15.58
CA GLU F 51 -16.73 -0.23 -15.19
C GLU F 51 -17.64 0.97 -15.48
N GLN F 52 -18.35 0.92 -16.61
CA GLN F 52 -19.32 1.96 -16.95
C GLN F 52 -20.47 1.96 -15.95
N ILE F 53 -20.87 0.77 -15.52
CA ILE F 53 -21.94 0.62 -14.55
C ILE F 53 -21.51 1.16 -13.18
N ARG F 54 -20.24 0.96 -12.85
CA ARG F 54 -19.68 1.51 -11.62
C ARG F 54 -19.79 3.03 -11.60
N VAL F 55 -19.48 3.64 -12.74
CA VAL F 55 -19.61 5.09 -12.89
C VAL F 55 -21.07 5.50 -12.81
N ALA F 56 -21.94 4.66 -13.38
CA ALA F 56 -23.38 4.92 -13.41
C ALA F 56 -23.96 5.02 -11.99
N GLU F 57 -23.34 4.33 -11.06
CA GLU F 57 -23.76 4.37 -9.66
C GLU F 57 -23.56 5.76 -9.07
N ASN F 58 -22.45 6.39 -9.45
CA ASN F 58 -22.14 7.74 -8.98
C ASN F 58 -23.08 8.78 -9.58
N VAL F 59 -23.34 8.65 -10.88
CA VAL F 59 -24.25 9.56 -11.57
C VAL F 59 -25.64 9.47 -10.97
N LEU F 60 -26.07 8.25 -10.66
CA LEU F 60 -27.39 8.01 -10.09
C LEU F 60 -27.52 8.60 -8.69
N ARG F 61 -26.44 8.57 -7.92
CA ARG F 61 -26.47 9.08 -6.56
C ARG F 61 -26.28 10.59 -6.53
N SER F 62 -25.76 11.14 -7.62
CA SER F 62 -25.48 12.57 -7.70
C SER F 62 -26.61 13.34 -8.39
N GLN F 63 -27.23 12.73 -9.39
CA GLN F 63 -28.23 13.42 -10.19
C GLN F 63 -29.58 12.71 -10.15
N GLY F 64 -29.57 11.39 -10.03
CA GLY F 64 -30.79 10.60 -10.05
C GLY F 64 -31.09 10.04 -11.42
N ILE F 65 -32.28 9.48 -11.57
CA ILE F 65 -32.71 8.88 -12.83
C ILE F 65 -32.92 9.95 -13.91
N ARG F 66 -33.14 11.19 -13.46
CA ARG F 66 -33.37 12.32 -14.38
C ARG F 66 -32.27 12.48 -15.43
N ALA F 67 -31.10 11.89 -15.17
CA ALA F 67 -30.01 11.86 -16.13
C ALA F 67 -30.45 11.07 -17.37
N TRP F 68 -31.34 10.11 -17.18
CA TRP F 68 -31.95 9.37 -18.27
C TRP F 68 -33.47 9.46 -18.18
N PRO F 69 -34.03 10.60 -18.59
CA PRO F 69 -35.46 10.91 -18.43
C PRO F 69 -36.40 9.84 -19.00
N VAL F 70 -36.03 9.26 -20.14
CA VAL F 70 -36.88 8.28 -20.80
C VAL F 70 -36.45 6.84 -20.55
N CYS F 71 -35.17 6.57 -20.81
CA CYS F 71 -34.64 5.22 -20.76
C CYS F 71 -34.28 4.76 -19.36
N GLY F 72 -34.52 5.62 -18.37
CA GLY F 72 -34.19 5.30 -16.99
C GLY F 72 -35.15 4.32 -16.35
N ARG F 73 -35.79 3.49 -17.17
CA ARG F 73 -36.78 2.52 -16.68
C ARG F 73 -36.53 1.15 -17.29
#